data_5OS5
#
_entry.id   5OS5
#
_cell.length_a   82.370
_cell.length_b   82.370
_cell.length_c   175.310
_cell.angle_alpha   90.000
_cell.angle_beta   90.000
_cell.angle_gamma   120.000
#
_symmetry.space_group_name_H-M   'P 61 2 2'
#
loop_
_entity.id
_entity.type
_entity.pdbx_description
1 polymer 'Aurora kinase A'
2 non-polymer "ADENOSINE-5'-DIPHOSPHATE"
3 non-polymer 'MAGNESIUM ION'
4 non-polymer 4-(4-hydroxyphenyl)sulfanylphenol
5 non-polymer 'CHLORIDE ION'
6 water water
#
_entity_poly.entity_id   1
_entity_poly.type   'polypeptide(L)'
_entity_poly.pdbx_seq_one_letter_code
;KRQWALEDFEIGRPLGKGKFGNVYLAREKQSKFILALKVLFKAQLEKAGVEHQLRREVEIQSHLRHPNILRLYGYFHDAT
RVYLILEYAPLGTVYRELQKLSKFDEQRTATYITELANALSYCHSKRVIHRDIKPENLLLGSAGELKIADFGWSVHAPSS
RRT(TPO)LAGTLDYLPPEMIEGRMHDEKVDLWSLGVLCYEFLVGKPPFEANTYQETYKRISRVEFTFPDFVTEGARDLI
SRLLKHNPSQRPMLREVLEHPWITANSSKPSN
;
_entity_poly.pdbx_strand_id   A
#
loop_
_chem_comp.id
_chem_comp.type
_chem_comp.name
_chem_comp.formula
A8K non-polymer 4-(4-hydroxyphenyl)sulfanylphenol 'C12 H10 O2 S'
ADP non-polymer ADENOSINE-5'-DIPHOSPHATE 'C10 H15 N5 O10 P2'
CL non-polymer 'CHLORIDE ION' 'Cl -1'
MG non-polymer 'MAGNESIUM ION' 'Mg 2'
#
# COMPACT_ATOMS: atom_id res chain seq x y z
N LYS A 1 29.04 -10.10 1.16
CA LYS A 1 27.76 -9.92 0.49
C LYS A 1 27.94 -9.65 -1.01
N ARG A 2 27.08 -10.25 -1.83
CA ARG A 2 27.01 -9.96 -3.27
C ARG A 2 26.53 -8.53 -3.46
N GLN A 3 26.89 -7.74 -4.50
CA GLN A 3 27.65 -7.98 -5.76
C GLN A 3 26.78 -8.51 -6.91
N TRP A 4 25.49 -8.16 -6.92
CA TRP A 4 24.58 -8.62 -7.97
C TRP A 4 24.72 -7.87 -9.30
N ALA A 5 24.45 -8.58 -10.39
CA ALA A 5 24.41 -7.99 -11.74
C ALA A 5 23.34 -8.66 -12.58
N LEU A 6 22.99 -8.05 -13.71
CA LEU A 6 21.93 -8.56 -14.57
C LEU A 6 22.25 -9.97 -15.07
N GLU A 7 23.52 -10.22 -15.35
CA GLU A 7 23.98 -11.51 -15.86
C GLU A 7 23.70 -12.68 -14.89
N ASP A 8 23.38 -12.35 -13.64
CA ASP A 8 23.13 -13.37 -12.63
C ASP A 8 21.70 -13.96 -12.70
N PHE A 9 20.85 -13.37 -13.54
CA PHE A 9 19.42 -13.74 -13.56
C PHE A 9 18.87 -14.16 -14.93
N GLU A 10 17.96 -15.12 -14.94
CA GLU A 10 17.16 -15.41 -16.12
C GLU A 10 15.79 -14.74 -15.95
N ILE A 11 15.41 -13.89 -16.91
CA ILE A 11 14.20 -13.07 -16.81
C ILE A 11 13.04 -13.80 -17.46
N GLY A 12 11.84 -13.62 -16.90
CA GLY A 12 10.67 -14.34 -17.36
C GLY A 12 9.46 -13.43 -17.55
N ARG A 13 8.28 -13.92 -17.19
CA ARG A 13 7.09 -13.19 -17.59
C ARG A 13 6.90 -11.88 -16.83
N PRO A 14 6.38 -10.87 -17.53
CA PRO A 14 6.06 -9.58 -16.91
C PRO A 14 5.00 -9.78 -15.83
N LEU A 15 5.24 -9.25 -14.63
CA LEU A 15 4.31 -9.37 -13.49
C LEU A 15 3.41 -8.15 -13.36
N GLY A 16 3.91 -7.00 -13.78
CA GLY A 16 3.07 -5.82 -13.81
C GLY A 16 3.85 -4.58 -14.18
N LYS A 17 3.13 -3.48 -14.30
CA LYS A 17 3.75 -2.19 -14.56
C LYS A 17 3.27 -1.15 -13.56
N GLY A 18 4.11 -0.16 -13.28
CA GLY A 18 3.69 1.03 -12.57
C GLY A 18 4.15 2.23 -13.37
N LYS A 19 4.08 3.41 -12.77
CA LYS A 19 4.56 4.62 -13.44
C LYS A 19 6.05 4.56 -13.77
N PHE A 20 6.84 3.97 -12.87
CA PHE A 20 8.29 3.84 -13.07
C PHE A 20 8.72 2.39 -13.16
N GLY A 21 8.14 1.56 -12.31
CA GLY A 21 8.50 0.15 -12.25
C GLY A 21 8.00 -0.71 -13.40
N ASN A 22 8.89 -1.57 -13.88
CA ASN A 22 8.52 -2.62 -14.80
C ASN A 22 8.98 -3.90 -14.12
N VAL A 23 8.04 -4.77 -13.74
CA VAL A 23 8.38 -5.84 -12.80
C VAL A 23 8.26 -7.19 -13.50
N TYR A 24 9.31 -8.01 -13.37
CA TYR A 24 9.39 -9.31 -14.06
C TYR A 24 9.65 -10.44 -13.09
N LEU A 25 9.11 -11.62 -13.40
CA LEU A 25 9.55 -12.85 -12.72
C LEU A 25 10.99 -13.13 -13.13
N ALA A 26 11.80 -13.63 -12.20
CA ALA A 26 13.21 -13.93 -12.52
C ALA A 26 13.75 -15.09 -11.68
N ARG A 27 14.74 -15.80 -12.21
CA ARG A 27 15.38 -16.90 -11.48
C ARG A 27 16.88 -16.67 -11.34
N GLU A 28 17.41 -16.65 -10.13
CA GLU A 28 18.85 -16.47 -9.95
C GLU A 28 19.57 -17.74 -10.40
N LYS A 29 20.66 -17.59 -11.16
CA LYS A 29 21.18 -18.72 -11.93
C LYS A 29 21.85 -19.84 -11.09
N GLN A 30 22.68 -19.49 -10.12
CA GLN A 30 23.41 -20.52 -9.38
C GLN A 30 22.48 -21.29 -8.42
N SER A 31 21.59 -20.56 -7.74
CA SER A 31 20.72 -21.15 -6.71
C SER A 31 19.34 -21.62 -7.20
N LYS A 32 18.92 -21.16 -8.37
CA LYS A 32 17.56 -21.37 -8.92
C LYS A 32 16.47 -20.67 -8.09
N PHE A 33 16.85 -19.67 -7.29
CA PHE A 33 15.89 -18.96 -6.46
C PHE A 33 14.94 -18.10 -7.31
N ILE A 34 13.62 -18.27 -7.12
CA ILE A 34 12.64 -17.46 -7.86
C ILE A 34 12.30 -16.18 -7.09
N LEU A 35 12.29 -15.06 -7.80
CA LEU A 35 12.06 -13.75 -7.20
C LEU A 35 11.41 -12.82 -8.21
N ALA A 36 11.22 -11.56 -7.83
CA ALA A 36 10.72 -10.55 -8.76
C ALA A 36 11.74 -9.43 -8.89
N LEU A 37 12.04 -9.03 -10.12
CA LEU A 37 12.98 -7.95 -10.38
C LEU A 37 12.22 -6.71 -10.80
N LYS A 38 12.33 -5.63 -10.04
CA LYS A 38 11.63 -4.38 -10.33
C LYS A 38 12.61 -3.45 -11.01
N VAL A 39 12.36 -3.17 -12.29
CA VAL A 39 13.29 -2.42 -13.14
C VAL A 39 12.85 -0.95 -13.32
N LEU A 40 13.76 -0.02 -13.04
CA LEU A 40 13.50 1.41 -13.25
C LEU A 40 14.53 2.01 -14.22
N PHE A 41 14.11 2.97 -15.05
CA PHE A 41 15.02 3.62 -15.99
C PHE A 41 15.64 4.89 -15.41
N LYS A 42 16.97 4.99 -15.45
CA LYS A 42 17.65 6.13 -14.83
C LYS A 42 17.23 7.46 -15.47
N ALA A 43 16.95 7.45 -16.77
CA ALA A 43 16.59 8.68 -17.46
C ALA A 43 15.23 9.21 -16.99
N GLN A 44 14.30 8.30 -16.74
CA GLN A 44 12.97 8.67 -16.25
C GLN A 44 13.04 9.14 -14.80
N LEU A 45 13.84 8.47 -13.99
CA LEU A 45 14.10 8.90 -12.60
C LEU A 45 14.69 10.29 -12.52
N GLU A 46 15.68 10.58 -13.36
CA GLU A 46 16.36 11.88 -13.33
C GLU A 46 15.45 13.01 -13.85
N LYS A 47 14.73 12.74 -14.93
CA LYS A 47 13.83 13.76 -15.48
C LYS A 47 12.74 14.15 -14.47
N ALA A 48 12.22 13.15 -13.76
CA ALA A 48 11.19 13.36 -12.73
C ALA A 48 11.76 13.85 -11.41
N GLY A 49 13.06 13.67 -11.19
CA GLY A 49 13.69 14.17 -9.98
C GLY A 49 13.30 13.38 -8.75
N VAL A 50 13.13 12.08 -8.90
CA VAL A 50 12.65 11.23 -7.79
C VAL A 50 13.69 10.22 -7.29
N GLU A 51 14.97 10.55 -7.46
CA GLU A 51 16.03 9.68 -6.97
C GLU A 51 15.90 9.44 -5.46
N HIS A 52 15.57 10.50 -4.71
CA HIS A 52 15.53 10.40 -3.25
C HIS A 52 14.44 9.42 -2.79
N GLN A 53 13.33 9.39 -3.51
CA GLN A 53 12.22 8.44 -3.26
C GLN A 53 12.64 6.98 -3.41
N LEU A 54 13.41 6.68 -4.45
CA LEU A 54 13.93 5.33 -4.63
C LEU A 54 14.90 4.94 -3.51
N ARG A 55 15.76 5.87 -3.08
CA ARG A 55 16.68 5.55 -1.98
C ARG A 55 15.91 5.23 -0.71
N ARG A 56 14.85 5.99 -0.44
CA ARG A 56 13.99 5.74 0.73
C ARG A 56 13.34 4.36 0.65
N GLU A 57 12.84 4.06 -0.54
CA GLU A 57 12.16 2.78 -0.78
C GLU A 57 13.11 1.63 -0.42
N VAL A 58 14.33 1.67 -0.94
CA VAL A 58 15.36 0.67 -0.61
C VAL A 58 15.77 0.65 0.86
N GLU A 59 16.16 1.79 1.41
CA GLU A 59 16.66 1.79 2.77
C GLU A 59 15.59 1.38 3.78
N ILE A 60 14.38 1.89 3.63
CA ILE A 60 13.30 1.59 4.57
C ILE A 60 12.78 0.15 4.47
N GLN A 61 12.42 -0.28 3.27
CA GLN A 61 11.81 -1.60 3.07
C GLN A 61 12.79 -2.75 3.36
N SER A 62 14.07 -2.54 3.05
CA SER A 62 15.08 -3.60 3.27
C SER A 62 15.28 -3.95 4.74
N HIS A 63 15.02 -3.00 5.63
CA HIS A 63 15.19 -3.25 7.05
C HIS A 63 13.92 -3.72 7.79
N LEU A 64 12.77 -3.69 7.12
CA LEU A 64 11.52 -4.16 7.73
C LEU A 64 11.42 -5.68 7.65
N ARG A 65 11.04 -6.33 8.75
CA ARG A 65 10.79 -7.77 8.76
C ARG A 65 9.47 -8.12 9.45
N HIS A 66 8.47 -8.46 8.64
CA HIS A 66 7.13 -8.78 9.11
C HIS A 66 6.45 -9.65 8.04
N PRO A 67 5.65 -10.66 8.45
CA PRO A 67 5.02 -11.61 7.53
C PRO A 67 4.05 -10.95 6.56
N ASN A 68 3.50 -9.80 6.95
CA ASN A 68 2.55 -9.10 6.11
C ASN A 68 3.19 -7.88 5.41
N ILE A 69 4.51 -7.89 5.28
CA ILE A 69 5.24 -6.86 4.53
C ILE A 69 6.17 -7.52 3.50
N LEU A 70 6.11 -7.10 2.23
CA LEU A 70 6.95 -7.73 1.19
C LEU A 70 8.45 -7.47 1.44
N ARG A 71 9.26 -8.52 1.36
CA ARG A 71 10.72 -8.34 1.53
C ARG A 71 11.37 -7.66 0.33
N LEU A 72 12.35 -6.79 0.62
CA LEU A 72 13.29 -6.32 -0.38
C LEU A 72 14.67 -6.86 -0.01
N TYR A 73 15.26 -7.65 -0.91
CA TYR A 73 16.51 -8.36 -0.62
C TYR A 73 17.77 -7.56 -0.94
N GLY A 74 17.70 -6.66 -1.91
CA GLY A 74 18.87 -5.89 -2.33
C GLY A 74 18.62 -5.14 -3.62
N TYR A 75 19.69 -4.62 -4.23
CA TYR A 75 19.56 -3.85 -5.47
C TYR A 75 20.88 -3.79 -6.26
N PHE A 76 20.79 -3.38 -7.52
CA PHE A 76 21.97 -3.10 -8.34
C PHE A 76 21.58 -2.21 -9.53
N HIS A 77 22.57 -1.79 -10.32
CA HIS A 77 22.31 -0.90 -11.45
C HIS A 77 23.40 -0.93 -12.54
N ASP A 78 23.03 -0.47 -13.74
CA ASP A 78 23.99 -0.32 -14.83
C ASP A 78 23.83 1.06 -15.46
N ALA A 79 24.30 1.22 -16.68
CA ALA A 79 24.34 2.55 -17.31
C ALA A 79 22.95 3.14 -17.52
N THR A 80 21.95 2.30 -17.71
CA THR A 80 20.62 2.81 -18.04
C THR A 80 19.54 2.51 -17.01
N ARG A 81 19.76 1.50 -16.16
CA ARG A 81 18.68 1.00 -15.30
C ARG A 81 19.09 0.77 -13.84
N VAL A 82 18.09 0.78 -12.96
CA VAL A 82 18.21 0.35 -11.57
C VAL A 82 17.32 -0.88 -11.33
N TYR A 83 17.82 -1.87 -10.57
CA TYR A 83 17.09 -3.13 -10.34
C TYR A 83 16.90 -3.39 -8.84
N LEU A 84 15.65 -3.56 -8.40
CA LEU A 84 15.34 -3.93 -7.02
C LEU A 84 14.95 -5.41 -6.96
N ILE A 85 15.59 -6.16 -6.08
CA ILE A 85 15.33 -7.59 -5.91
C ILE A 85 14.28 -7.81 -4.81
N LEU A 86 13.09 -8.27 -5.20
CA LEU A 86 11.97 -8.39 -4.30
C LEU A 86 11.55 -9.84 -4.08
N GLU A 87 10.90 -10.07 -2.95
CA GLU A 87 10.14 -11.30 -2.73
C GLU A 87 9.05 -11.42 -3.81
N TYR A 88 8.91 -12.60 -4.43
CA TYR A 88 7.82 -12.84 -5.39
C TYR A 88 6.51 -13.20 -4.67
N ALA A 89 5.42 -12.51 -5.02
CA ALA A 89 4.10 -12.76 -4.44
C ALA A 89 3.24 -13.52 -5.44
N PRO A 90 3.05 -14.83 -5.24
CA PRO A 90 2.54 -15.63 -6.36
C PRO A 90 1.03 -15.50 -6.62
N LEU A 91 0.27 -14.85 -5.75
CA LEU A 91 -1.18 -14.81 -5.98
C LEU A 91 -1.67 -13.43 -6.45
N GLY A 92 -0.73 -12.55 -6.78
CA GLY A 92 -1.08 -11.31 -7.47
C GLY A 92 -1.53 -10.19 -6.57
N THR A 93 -2.28 -9.23 -7.13
CA THR A 93 -2.69 -8.06 -6.37
C THR A 93 -4.11 -8.16 -5.83
N VAL A 94 -4.37 -7.44 -4.73
CA VAL A 94 -5.72 -7.30 -4.23
C VAL A 94 -6.57 -6.55 -5.28
N TYR A 95 -5.96 -5.61 -6.00
CA TYR A 95 -6.62 -4.94 -7.14
C TYR A 95 -7.26 -5.92 -8.14
N ARG A 96 -6.48 -6.88 -8.61
CA ARG A 96 -6.97 -7.88 -9.56
C ARG A 96 -8.12 -8.72 -8.99
N GLU A 97 -7.99 -9.09 -7.72
CA GLU A 97 -9.00 -9.90 -7.04
C GLU A 97 -10.33 -9.12 -6.92
N LEU A 98 -10.23 -7.83 -6.65
CA LEU A 98 -11.41 -6.98 -6.56
C LEU A 98 -12.08 -6.80 -7.94
N GLN A 99 -11.28 -6.74 -8.98
CA GLN A 99 -11.81 -6.67 -10.35
C GLN A 99 -12.58 -7.95 -10.68
N LYS A 100 -12.04 -9.09 -10.25
CA LYS A 100 -12.66 -10.38 -10.51
C LYS A 100 -14.01 -10.55 -9.79
N LEU A 101 -14.07 -10.15 -8.52
CA LEU A 101 -15.23 -10.45 -7.68
C LEU A 101 -16.23 -9.29 -7.53
N SER A 102 -15.82 -8.08 -7.94
CA SER A 102 -16.58 -6.83 -7.80
C SER A 102 -16.60 -6.29 -6.37
N LYS A 103 -17.06 -7.11 -5.42
CA LYS A 103 -17.02 -6.77 -3.99
C LYS A 103 -16.51 -7.94 -3.15
N PHE A 104 -15.97 -7.66 -1.97
CA PHE A 104 -15.61 -8.71 -1.00
C PHE A 104 -16.69 -8.87 0.08
N ASP A 105 -16.93 -10.10 0.55
CA ASP A 105 -17.85 -10.27 1.67
C ASP A 105 -17.19 -9.79 2.97
N GLU A 106 -17.94 -9.84 4.07
CA GLU A 106 -17.46 -9.26 5.32
C GLU A 106 -16.30 -10.03 5.92
N GLN A 107 -16.27 -11.36 5.74
CA GLN A 107 -15.17 -12.17 6.25
C GLN A 107 -13.83 -11.86 5.54
N ARG A 108 -13.84 -11.89 4.21
CA ARG A 108 -12.65 -11.54 3.44
C ARG A 108 -12.15 -10.13 3.80
N THR A 109 -13.08 -9.17 3.84
CA THR A 109 -12.73 -7.80 4.17
C THR A 109 -12.11 -7.65 5.55
N ALA A 110 -12.77 -8.18 6.58
CA ALA A 110 -12.25 -8.09 7.95
C ALA A 110 -10.88 -8.74 8.09
N THR A 111 -10.68 -9.86 7.39
CA THR A 111 -9.40 -10.58 7.42
C THR A 111 -8.27 -9.74 6.79
N TYR A 112 -8.53 -9.10 5.64
CA TYR A 112 -7.52 -8.24 5.00
C TYR A 112 -7.22 -7.04 5.88
N ILE A 113 -8.24 -6.47 6.52
CA ILE A 113 -8.04 -5.28 7.36
C ILE A 113 -7.18 -5.63 8.58
N THR A 114 -7.40 -6.81 9.15
CA THR A 114 -6.57 -7.31 10.25
C THR A 114 -5.10 -7.41 9.84
N GLU A 115 -4.85 -8.01 8.68
CA GLU A 115 -3.48 -8.21 8.20
C GLU A 115 -2.79 -6.87 7.92
N LEU A 116 -3.51 -5.99 7.25
CA LEU A 116 -3.09 -4.60 7.00
C LEU A 116 -2.74 -3.86 8.29
N ALA A 117 -3.61 -3.93 9.30
CA ALA A 117 -3.39 -3.26 10.58
C ALA A 117 -2.18 -3.83 11.32
N ASN A 118 -2.01 -5.15 11.26
CA ASN A 118 -0.84 -5.77 11.87
C ASN A 118 0.45 -5.22 11.24
N ALA A 119 0.48 -5.18 9.91
CA ALA A 119 1.63 -4.66 9.17
C ALA A 119 1.90 -3.20 9.51
N LEU A 120 0.84 -2.38 9.49
CA LEU A 120 0.98 -0.97 9.78
C LEU A 120 1.38 -0.72 11.24
N SER A 121 0.93 -1.58 12.16
CA SER A 121 1.33 -1.42 13.56
C SER A 121 2.85 -1.55 13.72
N TYR A 122 3.42 -2.50 12.98
CA TYR A 122 4.87 -2.71 12.96
C TYR A 122 5.59 -1.50 12.35
N CYS A 123 5.11 -1.00 11.20
CA CYS A 123 5.72 0.17 10.56
C CYS A 123 5.72 1.39 11.50
N HIS A 124 4.58 1.65 12.12
CA HIS A 124 4.47 2.84 12.96
C HIS A 124 5.29 2.73 14.24
N SER A 125 5.61 1.50 14.67
CA SER A 125 6.46 1.36 15.85
C SER A 125 7.87 1.83 15.53
N LYS A 126 8.21 1.91 14.25
CA LYS A 126 9.49 2.50 13.82
C LYS A 126 9.33 3.93 13.29
N ARG A 127 8.14 4.51 13.50
CA ARG A 127 7.79 5.83 13.01
C ARG A 127 7.91 5.90 11.48
N VAL A 128 7.65 4.79 10.81
CA VAL A 128 7.59 4.76 9.36
C VAL A 128 6.15 4.93 8.89
N ILE A 129 5.91 5.89 8.01
CA ILE A 129 4.61 6.08 7.37
C ILE A 129 4.64 5.59 5.93
N HIS A 130 3.66 4.80 5.51
CA HIS A 130 3.67 4.28 4.13
C HIS A 130 3.17 5.30 3.09
N ARG A 131 1.99 5.88 3.31
CA ARG A 131 1.42 7.00 2.52
C ARG A 131 0.92 6.66 1.11
N ASP A 132 0.95 5.39 0.73
CA ASP A 132 0.46 4.98 -0.59
C ASP A 132 -0.21 3.61 -0.55
N ILE A 133 -0.99 3.36 0.50
CA ILE A 133 -1.75 2.12 0.61
C ILE A 133 -2.94 2.21 -0.32
N LYS A 134 -3.08 1.20 -1.17
CA LYS A 134 -4.13 1.14 -2.19
C LYS A 134 -4.04 -0.25 -2.83
N PRO A 135 -5.12 -0.71 -3.48
CA PRO A 135 -5.19 -2.13 -3.86
C PRO A 135 -4.06 -2.63 -4.79
N GLU A 136 -3.55 -1.77 -5.67
CA GLU A 136 -2.50 -2.23 -6.59
C GLU A 136 -1.14 -2.42 -5.88
N ASN A 137 -1.00 -1.89 -4.68
CA ASN A 137 0.22 -2.07 -3.87
C ASN A 137 0.07 -3.07 -2.74
N LEU A 138 -1.01 -3.86 -2.76
CA LEU A 138 -1.20 -4.90 -1.77
C LEU A 138 -1.11 -6.25 -2.50
N LEU A 139 -0.10 -7.05 -2.19
CA LEU A 139 0.14 -8.31 -2.89
C LEU A 139 -0.28 -9.52 -2.04
N LEU A 140 -0.37 -10.70 -2.66
CA LEU A 140 -0.86 -11.89 -1.97
C LEU A 140 0.15 -13.05 -2.00
N GLY A 141 0.42 -13.61 -0.83
CA GLY A 141 1.33 -14.74 -0.72
C GLY A 141 0.73 -16.08 -1.10
N SER A 142 1.51 -17.15 -0.97
CA SER A 142 1.10 -18.46 -1.47
C SER A 142 -0.13 -18.99 -0.73
N ALA A 143 -0.39 -18.42 0.45
CA ALA A 143 -1.52 -18.87 1.27
C ALA A 143 -2.65 -17.87 1.24
N GLY A 144 -2.57 -16.90 0.34
CA GLY A 144 -3.58 -15.88 0.23
C GLY A 144 -3.46 -14.74 1.22
N GLU A 145 -2.34 -14.68 1.95
CA GLU A 145 -2.14 -13.65 2.96
C GLU A 145 -1.66 -12.33 2.34
N LEU A 146 -2.14 -11.22 2.88
CA LEU A 146 -1.85 -9.89 2.34
C LEU A 146 -0.45 -9.43 2.73
N LYS A 147 0.27 -8.85 1.77
CA LYS A 147 1.57 -8.24 2.04
C LYS A 147 1.60 -6.82 1.47
N ILE A 148 1.86 -5.83 2.32
CA ILE A 148 2.07 -4.46 1.85
C ILE A 148 3.36 -4.32 1.04
N ALA A 149 3.27 -3.62 -0.08
CA ALA A 149 4.43 -3.40 -0.93
C ALA A 149 4.53 -1.95 -1.42
N ASP A 150 5.50 -1.69 -2.31
CA ASP A 150 5.72 -0.39 -2.95
C ASP A 150 5.95 0.74 -1.94
N PHE A 151 7.17 0.83 -1.41
CA PHE A 151 7.50 1.78 -0.35
C PHE A 151 8.06 3.09 -0.91
N GLY A 152 7.76 3.38 -2.17
CA GLY A 152 8.33 4.54 -2.85
C GLY A 152 7.94 5.89 -2.25
N TRP A 153 6.79 5.95 -1.59
CA TRP A 153 6.31 7.19 -0.98
C TRP A 153 6.49 7.22 0.54
N SER A 154 7.06 6.15 1.10
CA SER A 154 7.22 6.04 2.56
C SER A 154 8.23 7.04 3.12
N VAL A 155 8.04 7.40 4.40
CA VAL A 155 8.90 8.36 5.10
C VAL A 155 8.92 8.16 6.60
N HIS A 156 9.63 9.05 7.30
CA HIS A 156 9.54 9.17 8.75
C HIS A 156 8.69 10.37 9.16
N ALA A 157 7.81 10.15 10.14
CA ALA A 157 6.93 11.18 10.69
C ALA A 157 7.64 12.04 11.72
N PRO A 158 7.29 13.34 11.82
CA PRO A 158 6.30 14.04 10.98
C PRO A 158 6.87 14.47 9.64
N SER A 159 6.01 14.85 8.71
CA SER A 159 6.48 15.20 7.38
C SER A 159 5.70 16.30 6.67
N SER A 160 6.40 17.02 5.81
CA SER A 160 5.74 17.82 4.79
C SER A 160 5.88 17.02 3.50
N ARG A 161 5.35 17.53 2.40
CA ARG A 161 5.56 16.87 1.13
C ARG A 161 6.40 17.76 0.21
N ARG A 162 7.35 17.15 -0.50
CA ARG A 162 8.26 17.91 -1.35
C ARG A 162 8.17 17.47 -2.81
N THR A 163 7.33 16.47 -3.07
CA THR A 163 7.23 15.90 -4.41
C THR A 163 5.80 15.99 -4.95
N TPO A 164 5.70 16.31 -6.25
CA TPO A 164 4.43 16.41 -6.96
CB TPO A 164 4.69 16.83 -8.42
CG2 TPO A 164 3.41 16.82 -9.25
OG1 TPO A 164 5.28 18.13 -8.44
P TPO A 164 6.73 18.05 -9.16
O1P TPO A 164 7.68 17.04 -8.34
O2P TPO A 164 6.59 17.57 -10.55
O3P TPO A 164 7.38 19.53 -9.17
C TPO A 164 3.59 15.13 -6.91
O TPO A 164 4.13 14.03 -7.02
N LEU A 165 2.29 15.29 -6.71
CA LEU A 165 1.33 14.19 -6.77
C LEU A 165 0.99 13.94 -8.23
N ALA A 166 1.17 12.72 -8.70
CA ALA A 166 0.99 12.43 -10.12
C ALA A 166 -0.41 11.87 -10.42
N GLY A 167 -0.83 10.89 -9.63
CA GLY A 167 -2.01 10.11 -9.96
C GLY A 167 -3.28 10.42 -9.18
N THR A 168 -3.90 9.35 -8.69
CA THR A 168 -5.20 9.45 -8.04
C THR A 168 -5.13 10.08 -6.64
N LEU A 169 -6.10 10.93 -6.35
CA LEU A 169 -6.22 11.46 -5.00
C LEU A 169 -6.99 10.49 -4.09
N ASP A 170 -7.49 9.39 -4.63
CA ASP A 170 -8.61 8.67 -3.99
C ASP A 170 -8.32 8.13 -2.58
N TYR A 171 -7.06 7.86 -2.26
CA TYR A 171 -6.73 7.28 -0.96
C TYR A 171 -6.10 8.30 0.02
N LEU A 172 -5.91 9.54 -0.42
CA LEU A 172 -5.20 10.51 0.43
C LEU A 172 -6.13 11.29 1.38
N PRO A 173 -5.67 11.57 2.60
CA PRO A 173 -6.46 12.38 3.54
C PRO A 173 -6.47 13.89 3.24
N PRO A 174 -7.39 14.64 3.87
CA PRO A 174 -7.45 16.07 3.63
C PRO A 174 -6.11 16.80 3.89
N GLU A 175 -5.38 16.42 4.94
CA GLU A 175 -4.13 17.14 5.25
C GLU A 175 -3.05 16.89 4.18
N MET A 176 -3.12 15.77 3.45
CA MET A 176 -2.15 15.53 2.37
C MET A 176 -2.50 16.27 1.08
N ILE A 177 -3.76 16.22 0.66
CA ILE A 177 -4.13 16.88 -0.60
C ILE A 177 -4.08 18.40 -0.46
N GLU A 178 -4.17 18.89 0.77
CA GLU A 178 -4.06 20.33 1.04
C GLU A 178 -2.62 20.73 1.29
N GLY A 179 -1.70 19.77 1.22
CA GLY A 179 -0.28 20.08 1.32
C GLY A 179 0.16 20.59 2.68
N ARG A 180 -0.44 20.03 3.73
CA ARG A 180 -0.14 20.45 5.09
C ARG A 180 0.74 19.41 5.80
N MET A 181 1.18 19.74 7.00
CA MET A 181 1.99 18.81 7.79
C MET A 181 1.15 17.57 8.12
N HIS A 182 1.78 16.40 8.11
CA HIS A 182 1.05 15.14 8.38
C HIS A 182 1.90 14.12 9.14
N ASP A 183 1.24 13.08 9.65
CA ASP A 183 1.90 12.06 10.48
C ASP A 183 1.31 10.67 10.22
N GLU A 184 1.55 9.73 11.14
CA GLU A 184 1.11 8.34 10.91
C GLU A 184 -0.40 8.21 10.72
N LYS A 185 -1.16 9.20 11.19
CA LYS A 185 -2.61 9.12 11.02
C LYS A 185 -3.05 9.12 9.54
N VAL A 186 -2.15 9.48 8.61
CA VAL A 186 -2.54 9.37 7.19
C VAL A 186 -2.87 7.93 6.80
N ASP A 187 -2.13 6.96 7.35
CA ASP A 187 -2.36 5.55 6.98
C ASP A 187 -3.68 5.05 7.55
N LEU A 188 -4.14 5.62 8.66
CA LEU A 188 -5.43 5.23 9.23
C LEU A 188 -6.59 5.68 8.34
N TRP A 189 -6.51 6.90 7.81
CA TRP A 189 -7.49 7.37 6.81
C TRP A 189 -7.53 6.43 5.61
N SER A 190 -6.35 6.08 5.08
CA SER A 190 -6.31 5.21 3.90
C SER A 190 -6.92 3.83 4.20
N LEU A 191 -6.72 3.35 5.42
CA LEU A 191 -7.31 2.07 5.85
C LEU A 191 -8.85 2.14 5.79
N GLY A 192 -9.40 3.28 6.17
CA GLY A 192 -10.84 3.51 6.08
C GLY A 192 -11.33 3.53 4.64
N VAL A 193 -10.59 4.19 3.75
CA VAL A 193 -10.93 4.18 2.32
C VAL A 193 -10.93 2.75 1.79
N LEU A 194 -9.90 1.97 2.14
CA LEU A 194 -9.84 0.57 1.68
C LEU A 194 -11.00 -0.28 2.19
N CYS A 195 -11.38 -0.11 3.45
CA CYS A 195 -12.44 -0.95 4.02
C CYS A 195 -13.75 -0.68 3.27
N TYR A 196 -14.01 0.60 2.98
CA TYR A 196 -15.18 0.96 2.19
C TYR A 196 -15.08 0.35 0.78
N GLU A 197 -13.94 0.52 0.11
CA GLU A 197 -13.81 0.02 -1.27
C GLU A 197 -13.95 -1.51 -1.35
N PHE A 198 -13.39 -2.23 -0.37
CA PHE A 198 -13.54 -3.68 -0.33
C PHE A 198 -15.01 -4.10 -0.28
N LEU A 199 -15.81 -3.41 0.53
CA LEU A 199 -17.21 -3.82 0.75
C LEU A 199 -18.17 -3.34 -0.35
N VAL A 200 -17.85 -2.21 -0.97
CA VAL A 200 -18.79 -1.54 -1.88
C VAL A 200 -18.38 -1.68 -3.36
N GLY A 201 -17.09 -1.78 -3.61
CA GLY A 201 -16.60 -1.99 -4.98
C GLY A 201 -15.94 -0.76 -5.58
N LYS A 202 -16.05 0.37 -4.89
CA LYS A 202 -15.42 1.60 -5.35
C LYS A 202 -15.10 2.46 -4.14
N PRO A 203 -14.10 3.36 -4.28
CA PRO A 203 -13.74 4.17 -3.10
C PRO A 203 -14.77 5.26 -2.82
N PRO A 204 -14.87 5.72 -1.55
CA PRO A 204 -15.98 6.58 -1.14
C PRO A 204 -15.99 8.02 -1.67
N PHE A 205 -14.87 8.55 -2.19
CA PHE A 205 -14.86 9.94 -2.65
C PHE A 205 -14.62 10.03 -4.15
N GLU A 206 -14.79 8.90 -4.84
CA GLU A 206 -14.54 8.83 -6.27
C GLU A 206 -15.41 9.78 -7.07
N ALA A 207 -14.83 10.30 -8.14
CA ALA A 207 -15.51 11.29 -8.95
C ALA A 207 -14.88 11.43 -10.34
N ASN A 208 -15.57 12.13 -11.25
CA ASN A 208 -15.15 12.26 -12.64
C ASN A 208 -13.95 13.19 -12.86
N THR A 209 -13.69 14.07 -11.90
CA THR A 209 -12.64 15.06 -12.08
C THR A 209 -11.81 15.22 -10.81
N TYR A 210 -10.58 15.68 -10.99
CA TYR A 210 -9.67 15.97 -9.90
C TYR A 210 -10.29 16.97 -8.95
N GLN A 211 -10.85 18.00 -9.55
CA GLN A 211 -11.35 19.16 -8.83
C GLN A 211 -12.49 18.79 -7.89
N GLU A 212 -13.37 17.92 -8.36
CA GLU A 212 -14.49 17.49 -7.54
C GLU A 212 -14.09 16.41 -6.53
N THR A 213 -13.17 15.52 -6.91
CA THR A 213 -12.62 14.56 -5.95
C THR A 213 -12.00 15.29 -4.76
N TYR A 214 -11.24 16.34 -5.05
CA TYR A 214 -10.60 17.17 -4.04
C TYR A 214 -11.66 17.71 -3.09
N LYS A 215 -12.76 18.20 -3.68
CA LYS A 215 -13.87 18.73 -2.89
C LYS A 215 -14.50 17.66 -2.00
N ARG A 216 -14.76 16.47 -2.54
CA ARG A 216 -15.39 15.41 -1.75
C ARG A 216 -14.50 14.97 -0.59
N ILE A 217 -13.18 14.92 -0.82
CA ILE A 217 -12.26 14.51 0.24
C ILE A 217 -12.16 15.56 1.33
N SER A 218 -11.95 16.82 0.96
CA SER A 218 -11.72 17.86 1.96
C SER A 218 -12.97 18.12 2.79
N ARG A 219 -14.14 17.84 2.21
CA ARG A 219 -15.39 18.03 2.94
C ARG A 219 -15.91 16.72 3.53
N VAL A 220 -15.15 15.65 3.31
CA VAL A 220 -15.48 14.30 3.78
C VAL A 220 -16.92 13.91 3.41
N GLU A 221 -17.21 13.95 2.12
CA GLU A 221 -18.57 13.69 1.64
C GLU A 221 -18.72 12.25 1.13
N PHE A 222 -19.19 11.36 2.01
CA PHE A 222 -19.44 9.96 1.62
C PHE A 222 -20.76 9.46 2.19
N THR A 223 -21.36 8.49 1.51
CA THR A 223 -22.60 7.86 1.97
C THR A 223 -22.50 6.36 1.71
N PHE A 224 -23.35 5.59 2.41
CA PHE A 224 -23.36 4.12 2.36
C PHE A 224 -24.56 3.55 1.59
N PRO A 225 -24.31 2.54 0.74
CA PRO A 225 -25.43 1.78 0.19
C PRO A 225 -26.12 0.99 1.29
N ASP A 226 -27.37 0.58 1.07
CA ASP A 226 -28.16 -0.07 2.11
C ASP A 226 -27.54 -1.35 2.65
N PHE A 227 -26.77 -2.07 1.84
CA PHE A 227 -26.28 -3.38 2.26
C PHE A 227 -25.10 -3.32 3.25
N VAL A 228 -24.46 -2.16 3.40
CA VAL A 228 -23.35 -2.07 4.36
C VAL A 228 -23.90 -2.13 5.80
N THR A 229 -23.41 -3.10 6.59
CA THR A 229 -23.97 -3.32 7.93
C THR A 229 -23.56 -2.26 8.95
N GLU A 230 -24.27 -2.24 10.08
CA GLU A 230 -24.06 -1.25 11.14
C GLU A 230 -22.62 -1.30 11.65
N GLY A 231 -22.07 -2.51 11.81
CA GLY A 231 -20.71 -2.64 12.31
C GLY A 231 -19.64 -2.08 11.40
N ALA A 232 -19.78 -2.37 10.11
CA ALA A 232 -18.89 -1.81 9.11
C ALA A 232 -18.98 -0.27 9.07
N ARG A 233 -20.21 0.25 9.13
CA ARG A 233 -20.42 1.70 9.12
C ARG A 233 -19.74 2.40 10.29
N ASP A 234 -19.84 1.81 11.48
CA ASP A 234 -19.19 2.35 12.68
C ASP A 234 -17.67 2.46 12.51
N LEU A 235 -17.04 1.37 12.09
CA LEU A 235 -15.59 1.38 11.86
C LEU A 235 -15.15 2.37 10.77
N ILE A 236 -15.82 2.34 9.62
CA ILE A 236 -15.45 3.24 8.53
C ILE A 236 -15.61 4.71 8.95
N SER A 237 -16.70 5.03 9.64
CA SER A 237 -16.93 6.40 10.08
C SER A 237 -15.90 6.90 11.10
N ARG A 238 -15.33 5.99 11.89
CA ARG A 238 -14.30 6.37 12.88
C ARG A 238 -12.97 6.66 12.18
N LEU A 239 -12.67 5.91 11.13
CA LEU A 239 -11.43 6.09 10.37
C LEU A 239 -11.46 7.34 9.47
N LEU A 240 -12.60 7.62 8.85
CA LEU A 240 -12.69 8.77 7.94
C LEU A 240 -13.11 10.04 8.67
N LYS A 241 -12.27 10.51 9.59
CA LYS A 241 -12.47 11.77 10.29
C LYS A 241 -11.55 12.87 9.73
N HIS A 242 -12.08 14.08 9.54
CA HIS A 242 -11.26 15.16 9.00
C HIS A 242 -10.07 15.48 9.90
N ASN A 243 -10.33 15.56 11.21
CA ASN A 243 -9.29 15.80 12.22
C ASN A 243 -8.51 14.51 12.51
N PRO A 244 -7.21 14.49 12.16
CA PRO A 244 -6.42 13.26 12.28
C PRO A 244 -6.32 12.72 13.71
N SER A 245 -6.26 13.60 14.70
CA SER A 245 -6.11 13.13 16.08
C SER A 245 -7.36 12.43 16.60
N GLN A 246 -8.46 12.49 15.85
CA GLN A 246 -9.68 11.79 16.24
C GLN A 246 -9.78 10.40 15.62
N ARG A 247 -8.86 10.09 14.71
CA ARG A 247 -8.83 8.75 14.12
C ARG A 247 -8.26 7.79 15.15
N PRO A 248 -8.77 6.54 15.16
CA PRO A 248 -8.40 5.60 16.22
C PRO A 248 -6.99 5.06 16.10
N MET A 249 -6.46 4.56 17.22
CA MET A 249 -5.20 3.83 17.23
CA MET A 249 -5.19 3.84 17.20
C MET A 249 -5.40 2.49 16.53
N LEU A 250 -4.32 1.90 16.01
CA LEU A 250 -4.47 0.63 15.30
C LEU A 250 -4.93 -0.50 16.25
N ARG A 251 -4.60 -0.40 17.54
CA ARG A 251 -5.08 -1.39 18.51
C ARG A 251 -6.62 -1.37 18.57
N GLU A 252 -7.20 -0.18 18.41
CA GLU A 252 -8.65 -0.02 18.47
C GLU A 252 -9.32 -0.64 17.24
N VAL A 253 -8.64 -0.58 16.10
CA VAL A 253 -9.14 -1.24 14.88
C VAL A 253 -9.12 -2.75 15.06
N LEU A 254 -7.97 -3.28 15.49
CA LEU A 254 -7.79 -4.73 15.65
C LEU A 254 -8.76 -5.34 16.68
N GLU A 255 -9.23 -4.53 17.61
CA GLU A 255 -10.15 -4.98 18.65
C GLU A 255 -11.61 -4.56 18.43
N HIS A 256 -11.90 -3.94 17.29
CA HIS A 256 -13.26 -3.50 16.96
C HIS A 256 -14.18 -4.71 16.86
N PRO A 257 -15.39 -4.64 17.45
CA PRO A 257 -16.24 -5.83 17.50
C PRO A 257 -16.62 -6.41 16.13
N TRP A 258 -16.68 -5.58 15.10
CA TRP A 258 -17.00 -6.05 13.75
C TRP A 258 -15.82 -6.83 13.18
N ILE A 259 -14.61 -6.38 13.50
CA ILE A 259 -13.39 -7.03 13.04
C ILE A 259 -13.22 -8.39 13.73
N THR A 260 -13.36 -8.40 15.06
CA THR A 260 -13.18 -9.64 15.81
C THR A 260 -14.26 -10.66 15.45
N ALA A 261 -15.45 -10.18 15.12
CA ALA A 261 -16.56 -11.08 14.79
C ALA A 261 -16.39 -11.74 13.42
N ASN A 262 -15.71 -11.06 12.50
CA ASN A 262 -15.64 -11.51 11.11
C ASN A 262 -14.27 -11.95 10.57
N SER A 263 -13.19 -11.51 11.20
CA SER A 263 -11.86 -11.85 10.71
C SER A 263 -11.51 -13.31 11.01
N SER A 264 -10.79 -13.95 10.09
CA SER A 264 -10.39 -15.33 10.27
C SER A 264 -8.94 -15.44 10.74
N LYS A 265 -8.29 -14.29 10.92
CA LYS A 265 -6.93 -14.25 11.42
C LYS A 265 -6.83 -13.40 12.69
N PRO A 266 -5.90 -13.77 13.59
CA PRO A 266 -5.81 -13.07 14.87
C PRO A 266 -4.96 -11.80 14.81
N SER A 267 -5.12 -10.95 15.82
CA SER A 267 -4.18 -9.88 16.06
C SER A 267 -2.89 -10.47 16.64
N ASN A 268 -1.09 -8.35 15.83
CA ASN A 268 0.06 -8.88 16.54
C ASN A 268 0.99 -7.78 17.03
PB ADP B . 5.38 1.31 -8.96
O1B ADP B . 6.37 1.86 -7.97
O2B ADP B . 5.74 1.70 -10.36
O3B ADP B . 3.93 1.46 -8.62
PA ADP B . 5.18 -1.44 -7.87
O1A ADP B . 6.32 -1.91 -6.98
O2A ADP B . 3.88 -1.04 -7.22
O3A ADP B . 5.69 -0.30 -8.90
O5' ADP B . 4.87 -2.69 -8.90
C5' ADP B . 3.97 -2.54 -10.00
C4' ADP B . 3.06 -3.77 -10.17
O4' ADP B . 3.83 -4.96 -10.44
C3' ADP B . 2.25 -4.13 -8.94
O3' ADP B . 1.04 -3.35 -8.82
C2' ADP B . 1.98 -5.60 -9.16
O2' ADP B . 0.98 -5.73 -10.18
C1' ADP B . 3.26 -6.11 -9.80
N9 ADP B . 4.24 -6.54 -8.78
C8 ADP B . 5.10 -5.70 -8.17
N7 ADP B . 5.91 -6.34 -7.29
C5 ADP B . 5.55 -7.65 -7.34
C6 ADP B . 6.00 -8.88 -6.65
N6 ADP B . 7.00 -8.81 -5.73
N1 ADP B . 5.38 -10.05 -6.94
C2 ADP B . 4.38 -10.09 -7.84
N3 ADP B . 3.90 -9.02 -8.52
C4 ADP B . 4.45 -7.78 -8.31
MG MG C . 2.81 0.64 -7.04
MG MG D . 6.72 3.50 -6.77
C11 A8K E . 18.95 6.37 -6.93
C10 A8K E . 19.12 5.23 -6.17
C9 A8K E . 19.66 2.53 -3.01
C8 A8K E . 19.96 2.93 -1.71
C7 A8K E . 20.88 3.94 -1.49
C4 A8K E . 20.27 3.16 -4.09
C5 A8K E . 21.20 4.16 -3.87
C6 A8K E . 21.51 4.54 -2.57
C3 A8K E . 19.68 4.10 -6.72
C2 A8K E . 20.07 4.12 -8.05
C1 A8K E . 19.91 5.26 -8.82
O1 A8K E . 21.18 4.32 -0.19
S A8K E . 19.87 2.62 -5.75
C A8K E . 19.35 6.39 -8.26
O A8K E . 19.18 7.53 -9.02
CL CL F . -14.99 14.52 10.45
CL CL G . 0.22 9.62 -4.41
CL CL H . -1.83 -14.87 -10.89
#